data_4B6D
#
_entry.id   4B6D
#
_cell.length_a   36.850
_cell.length_b   133.850
_cell.length_c   56.682
_cell.angle_alpha   90.00
_cell.angle_beta   109.03
_cell.angle_gamma   90.00
#
_symmetry.space_group_name_H-M   'P 1 21 1'
#
loop_
_entity.id
_entity.type
_entity.pdbx_description
1 polymer 'RAC GTPASE-ACTIVATING PROTEIN 1'
2 non-polymer GLYCEROL
3 non-polymer 'ZINC ION'
4 water water
#
_entity_poly.entity_id   1
_entity_poly.type   'polypeptide(L)'
_entity_poly.pdbx_seq_one_letter_code
;GPLGSMRLHDFVSKTVIKPESCVPCGKRIKFGKLSLKCRDCRVVSHPECRDRCPLPCIPTL
;
_entity_poly.pdbx_strand_id   A,B,C,D,E,F
#
# COMPACT_ATOMS: atom_id res chain seq x y z
N GLY A 1 -3.37 -13.06 -8.61
CA GLY A 1 -2.53 -12.07 -7.97
C GLY A 1 -2.30 -12.38 -6.51
N PRO A 2 -1.03 -12.38 -6.07
CA PRO A 2 -0.73 -12.68 -4.67
C PRO A 2 -1.13 -11.57 -3.70
N LEU A 3 -1.02 -11.84 -2.40
CA LEU A 3 -1.43 -10.91 -1.34
C LEU A 3 -0.38 -9.92 -0.86
N GLY A 4 -0.57 -8.65 -1.19
CA GLY A 4 0.25 -7.58 -0.66
C GLY A 4 -0.57 -6.89 0.41
N SER A 5 0.09 -6.20 1.33
CA SER A 5 -0.63 -5.57 2.43
C SER A 5 -0.30 -4.09 2.55
N MET A 6 -1.18 -3.36 3.23
CA MET A 6 -1.02 -1.93 3.42
C MET A 6 -1.07 -1.64 4.92
N ARG A 7 -0.27 -0.67 5.36
CA ARG A 7 -0.21 -0.36 6.78
C ARG A 7 -1.52 0.22 7.24
N LEU A 8 -2.14 -0.46 8.20
CA LEU A 8 -3.39 0.00 8.78
C LEU A 8 -3.11 0.80 10.05
N HIS A 9 -4.12 1.54 10.50
CA HIS A 9 -4.01 2.31 11.72
C HIS A 9 -4.15 1.42 12.94
N ASP A 10 -3.61 1.87 14.06
CA ASP A 10 -3.76 1.17 15.32
C ASP A 10 -4.69 1.98 16.21
N PHE A 11 -5.98 1.82 16.00
CA PHE A 11 -6.97 2.64 16.66
C PHE A 11 -7.17 2.28 18.13
N VAL A 12 -7.24 3.29 18.97
CA VAL A 12 -7.60 3.11 20.37
C VAL A 12 -8.79 4.02 20.70
N SER A 13 -9.72 3.53 21.51
CA SER A 13 -10.89 4.30 21.87
C SER A 13 -10.56 5.42 22.86
N LYS A 14 -10.89 6.64 22.48
CA LYS A 14 -10.63 7.80 23.32
C LYS A 14 -11.87 8.68 23.40
N THR A 15 -12.20 9.11 24.61
CA THR A 15 -13.32 10.01 24.82
C THR A 15 -12.89 11.43 24.45
N VAL A 16 -13.74 12.13 23.70
CA VAL A 16 -13.39 13.47 23.23
C VAL A 16 -13.44 14.49 24.36
N ILE A 17 -12.30 15.13 24.61
CA ILE A 17 -12.20 16.16 25.64
C ILE A 17 -11.75 17.50 25.08
N LYS A 18 -11.00 17.47 23.98
CA LYS A 18 -10.58 18.69 23.31
C LYS A 18 -11.38 18.83 22.00
N PRO A 19 -11.34 20.02 21.36
CA PRO A 19 -12.02 20.15 20.07
C PRO A 19 -11.36 19.25 19.02
N GLU A 20 -12.16 18.37 18.44
CA GLU A 20 -11.66 17.38 17.49
C GLU A 20 -12.40 17.42 16.16
N SER A 21 -11.66 17.16 15.08
CA SER A 21 -12.24 17.10 13.75
CA SER A 21 -12.24 17.10 13.75
C SER A 21 -11.97 15.75 13.11
N CYS A 22 -13.04 15.08 12.67
CA CYS A 22 -12.92 13.78 12.03
C CYS A 22 -12.18 13.94 10.70
N VAL A 23 -11.13 13.16 10.52
CA VAL A 23 -10.32 13.26 9.30
C VAL A 23 -11.06 12.84 8.01
N PRO A 24 -11.77 11.70 8.03
CA PRO A 24 -12.50 11.35 6.80
C PRO A 24 -13.64 12.29 6.44
N CYS A 25 -14.49 12.65 7.39
CA CYS A 25 -15.70 13.42 7.06
C CYS A 25 -15.53 14.93 7.29
N GLY A 26 -14.49 15.32 8.01
CA GLY A 26 -14.21 16.73 8.23
C GLY A 26 -15.03 17.37 9.33
N LYS A 27 -16.06 16.66 9.80
CA LYS A 27 -16.94 17.21 10.83
C LYS A 27 -16.35 17.06 12.23
N ARG A 28 -16.83 17.88 13.15
CA ARG A 28 -16.35 17.88 14.52
C ARG A 28 -16.91 16.72 15.34
N ILE A 29 -16.03 16.07 16.10
CA ILE A 29 -16.47 15.02 17.02
C ILE A 29 -16.75 15.68 18.37
N LYS A 30 -18.02 15.69 18.73
CA LYS A 30 -18.50 16.48 19.86
C LYS A 30 -17.98 15.97 21.22
N PHE A 31 -18.08 16.83 22.24
CA PHE A 31 -17.60 16.51 23.58
C PHE A 31 -18.30 15.29 24.18
N GLY A 32 -17.51 14.39 24.76
CA GLY A 32 -18.03 13.24 25.45
C GLY A 32 -18.28 12.06 24.53
N LYS A 33 -18.31 12.32 23.23
CA LYS A 33 -18.53 11.26 22.26
C LYS A 33 -17.27 10.44 22.12
N LEU A 34 -17.42 9.20 21.67
CA LEU A 34 -16.28 8.33 21.48
C LEU A 34 -15.61 8.63 20.15
N SER A 35 -14.29 8.60 20.13
CA SER A 35 -13.53 8.82 18.91
C SER A 35 -12.46 7.76 18.78
N LEU A 36 -12.04 7.49 17.55
CA LEU A 36 -10.95 6.56 17.33
C LEU A 36 -9.71 7.37 16.98
N LYS A 37 -8.62 7.10 17.71
CA LYS A 37 -7.39 7.85 17.53
C LYS A 37 -6.26 6.85 17.33
N CYS A 38 -5.40 7.11 16.34
CA CYS A 38 -4.34 6.18 16.03
C CYS A 38 -3.16 6.37 16.97
N ARG A 39 -2.59 5.26 17.44
CA ARG A 39 -1.45 5.32 18.35
C ARG A 39 -0.20 5.80 17.64
N ASP A 40 -0.14 5.56 16.34
CA ASP A 40 1.08 5.81 15.56
C ASP A 40 1.06 7.16 14.85
N CYS A 41 -0.11 7.59 14.39
CA CYS A 41 -0.22 8.85 13.66
C CYS A 41 -1.26 9.80 14.25
N ARG A 42 -1.52 10.90 13.53
CA ARG A 42 -2.36 11.99 14.02
C ARG A 42 -3.83 11.75 13.71
N VAL A 43 -4.11 10.65 13.01
CA VAL A 43 -5.48 10.37 12.56
C VAL A 43 -6.49 10.15 13.69
N VAL A 44 -7.55 10.94 13.66
CA VAL A 44 -8.66 10.79 14.58
C VAL A 44 -9.96 10.79 13.77
N SER A 45 -10.94 9.99 14.17
CA SER A 45 -12.17 9.88 13.40
C SER A 45 -13.38 9.43 14.22
N HIS A 46 -14.56 9.58 13.64
CA HIS A 46 -15.76 8.99 14.22
C HIS A 46 -15.60 7.49 14.11
N PRO A 47 -16.21 6.74 15.06
CA PRO A 47 -16.22 5.28 14.98
C PRO A 47 -16.82 4.79 13.66
N GLU A 48 -17.82 5.51 13.16
CA GLU A 48 -18.52 5.13 11.94
C GLU A 48 -17.81 5.56 10.65
N CYS A 49 -16.74 6.34 10.79
CA CYS A 49 -15.99 6.82 9.63
C CYS A 49 -14.64 6.13 9.56
N ARG A 50 -14.44 5.14 10.42
CA ARG A 50 -13.17 4.41 10.56
C ARG A 50 -12.58 3.80 9.28
N ASP A 51 -13.42 3.21 8.44
CA ASP A 51 -12.93 2.49 7.26
C ASP A 51 -12.44 3.44 6.17
N ARG A 52 -12.84 4.69 6.26
CA ARG A 52 -12.53 5.70 5.25
C ARG A 52 -11.31 6.55 5.57
N CYS A 53 -10.62 6.21 6.65
CA CYS A 53 -9.41 6.93 7.04
C CYS A 53 -8.30 6.67 6.03
N PRO A 54 -7.62 7.75 5.58
CA PRO A 54 -6.54 7.69 4.59
C PRO A 54 -5.51 6.60 4.90
N LEU A 55 -5.21 5.78 3.89
CA LEU A 55 -4.23 4.72 4.01
C LEU A 55 -3.08 4.97 3.04
N PRO A 56 -1.88 4.47 3.34
CA PRO A 56 -1.50 3.67 4.52
C PRO A 56 -1.18 4.53 5.73
N CYS A 57 -1.07 3.91 6.89
CA CYS A 57 -0.67 4.61 8.10
C CYS A 57 0.83 4.90 8.10
N ILE A 58 1.18 6.19 8.17
CA ILE A 58 2.56 6.64 8.26
C ILE A 58 2.78 7.26 9.65
N PRO A 59 3.46 6.52 10.54
CA PRO A 59 3.65 6.95 11.92
C PRO A 59 4.26 8.35 12.03
N THR A 60 3.76 9.15 12.96
CA THR A 60 4.25 10.51 13.16
C THR A 60 5.03 10.60 14.46
N GLY B 4 -1.35 27.59 -5.58
CA GLY B 4 -0.65 26.73 -6.52
C GLY B 4 -0.04 25.52 -5.83
N SER B 5 0.75 24.74 -6.57
CA SER B 5 1.01 25.01 -7.97
C SER B 5 0.71 23.78 -8.83
N MET B 6 0.06 22.80 -8.21
CA MET B 6 -0.29 21.56 -8.89
C MET B 6 -1.80 21.41 -8.86
N ARG B 7 -2.34 20.92 -9.98
CA ARG B 7 -3.78 20.79 -10.14
C ARG B 7 -4.35 19.71 -9.24
N LEU B 8 -5.33 20.07 -8.43
CA LEU B 8 -5.97 19.11 -7.54
C LEU B 8 -7.17 18.48 -8.23
N HIS B 9 -7.57 17.31 -7.74
CA HIS B 9 -8.75 16.63 -8.24
C HIS B 9 -10.01 17.22 -7.63
N ASP B 10 -11.13 17.10 -8.34
CA ASP B 10 -12.42 17.52 -7.80
C ASP B 10 -13.29 16.29 -7.57
N PHE B 11 -13.07 15.60 -6.44
CA PHE B 11 -13.73 14.33 -6.18
C PHE B 11 -15.18 14.46 -5.74
N VAL B 12 -16.03 13.61 -6.31
CA VAL B 12 -17.42 13.49 -5.88
C VAL B 12 -17.72 12.03 -5.55
N SER B 13 -18.56 11.81 -4.53
CA SER B 13 -18.92 10.46 -4.13
C SER B 13 -19.89 9.83 -5.14
N LYS B 14 -19.49 8.68 -5.67
CA LYS B 14 -20.31 7.96 -6.64
C LYS B 14 -20.38 6.47 -6.30
N THR B 15 -21.58 5.91 -6.37
CA THR B 15 -21.77 4.48 -6.15
C THR B 15 -21.37 3.68 -7.38
N VAL B 16 -20.57 2.65 -7.17
CA VAL B 16 -20.02 1.83 -8.25
C VAL B 16 -21.06 0.89 -8.87
N ILE B 17 -21.25 1.01 -10.19
CA ILE B 17 -22.19 0.16 -10.90
C ILE B 17 -21.51 -0.69 -11.97
N LYS B 18 -20.41 -0.20 -12.52
CA LYS B 18 -19.64 -0.96 -13.50
C LYS B 18 -18.35 -1.46 -12.86
N PRO B 19 -17.71 -2.49 -13.45
CA PRO B 19 -16.42 -2.88 -12.88
C PRO B 19 -15.35 -1.83 -13.16
N GLU B 20 -14.86 -1.19 -12.11
CA GLU B 20 -13.81 -0.18 -12.25
C GLU B 20 -12.75 -0.40 -11.16
N SER B 21 -11.50 -0.08 -11.45
CA SER B 21 -10.40 -0.27 -10.51
C SER B 21 -9.82 1.02 -9.96
N CYS B 22 -9.55 1.01 -8.66
CA CYS B 22 -8.94 2.14 -7.95
C CYS B 22 -7.55 2.42 -8.49
N VAL B 23 -7.29 3.67 -8.85
CA VAL B 23 -6.01 4.04 -9.46
C VAL B 23 -4.77 3.92 -8.53
N PRO B 24 -4.85 4.44 -7.29
CA PRO B 24 -3.66 4.28 -6.43
C PRO B 24 -3.34 2.83 -6.00
N CYS B 25 -4.35 2.06 -5.60
CA CYS B 25 -4.09 0.72 -5.06
C CYS B 25 -4.25 -0.38 -6.11
N GLY B 26 -4.89 -0.03 -7.21
CA GLY B 26 -5.04 -0.96 -8.32
C GLY B 26 -6.15 -1.99 -8.15
N LYS B 27 -6.70 -2.12 -6.94
CA LYS B 27 -7.70 -3.15 -6.68
C LYS B 27 -9.09 -2.74 -7.15
N ARG B 28 -9.95 -3.74 -7.37
CA ARG B 28 -11.28 -3.51 -7.89
C ARG B 28 -12.25 -2.98 -6.84
N ILE B 29 -12.99 -1.94 -7.22
CA ILE B 29 -14.03 -1.38 -6.37
C ILE B 29 -15.35 -2.08 -6.72
N LYS B 30 -15.85 -2.88 -5.79
CA LYS B 30 -17.00 -3.74 -6.05
C LYS B 30 -18.30 -2.99 -6.32
N PHE B 31 -19.25 -3.70 -6.92
CA PHE B 31 -20.56 -3.15 -7.26
C PHE B 31 -21.37 -2.68 -6.04
N GLY B 32 -21.91 -1.47 -6.14
CA GLY B 32 -22.79 -0.91 -5.12
C GLY B 32 -22.12 -0.18 -3.98
N LYS B 33 -20.82 -0.40 -3.80
CA LYS B 33 -20.08 0.31 -2.76
C LYS B 33 -19.72 1.72 -3.22
N LEU B 34 -19.45 2.60 -2.27
CA LEU B 34 -19.16 3.99 -2.60
C LEU B 34 -17.71 4.20 -3.02
N SER B 35 -17.53 5.04 -4.04
CA SER B 35 -16.20 5.40 -4.53
C SER B 35 -16.12 6.89 -4.83
N LEU B 36 -14.89 7.40 -4.86
CA LEU B 36 -14.65 8.79 -5.20
C LEU B 36 -14.10 8.89 -6.62
N LYS B 37 -14.73 9.72 -7.44
CA LYS B 37 -14.32 9.91 -8.82
C LYS B 37 -14.16 11.39 -9.12
N CYS B 38 -13.12 11.74 -9.87
CA CYS B 38 -12.83 13.14 -10.15
C CYS B 38 -13.77 13.68 -11.23
N ARG B 39 -14.23 14.90 -11.02
CA ARG B 39 -15.13 15.55 -11.96
C ARG B 39 -14.42 16.01 -13.24
N ASP B 40 -13.12 16.26 -13.14
CA ASP B 40 -12.37 16.86 -14.24
C ASP B 40 -11.71 15.79 -15.10
N CYS B 41 -11.26 14.72 -14.46
CA CYS B 41 -10.68 13.61 -15.18
C CYS B 41 -11.38 12.32 -14.78
N ARG B 42 -10.96 11.19 -15.34
CA ARG B 42 -11.65 9.94 -15.09
C ARG B 42 -11.12 9.20 -13.87
N VAL B 43 -10.18 9.83 -13.16
CA VAL B 43 -9.56 9.21 -12.00
C VAL B 43 -10.59 8.87 -10.93
N VAL B 44 -10.59 7.59 -10.56
CA VAL B 44 -11.50 7.06 -9.56
C VAL B 44 -10.70 6.27 -8.53
N SER B 45 -11.16 6.30 -7.27
CA SER B 45 -10.42 5.65 -6.20
C SER B 45 -11.30 5.25 -5.01
N HIS B 46 -10.76 4.42 -4.14
CA HIS B 46 -11.39 4.13 -2.86
C HIS B 46 -11.39 5.40 -2.02
N PRO B 47 -12.38 5.54 -1.13
CA PRO B 47 -12.42 6.66 -0.19
C PRO B 47 -11.13 6.73 0.65
N GLU B 48 -10.57 5.57 0.97
CA GLU B 48 -9.36 5.53 1.78
C GLU B 48 -8.11 5.79 0.94
N CYS B 49 -8.29 5.90 -0.37
CA CYS B 49 -7.18 6.16 -1.27
C CYS B 49 -7.25 7.53 -1.92
N ARG B 50 -8.17 8.39 -1.47
CA ARG B 50 -8.36 9.69 -2.08
C ARG B 50 -7.06 10.48 -2.19
N ASP B 51 -6.25 10.45 -1.14
CA ASP B 51 -5.04 11.26 -1.07
C ASP B 51 -3.87 10.77 -1.92
N ARG B 52 -3.94 9.50 -2.34
CA ARG B 52 -2.83 8.87 -3.05
C ARG B 52 -2.98 8.91 -4.56
N CYS B 53 -4.03 9.57 -5.04
CA CYS B 53 -4.22 9.71 -6.47
C CYS B 53 -3.16 10.64 -7.04
N PRO B 54 -2.51 10.20 -8.13
CA PRO B 54 -1.44 10.94 -8.83
C PRO B 54 -1.82 12.39 -9.11
N LEU B 55 -0.91 13.31 -8.81
CA LEU B 55 -1.11 14.72 -9.09
C LEU B 55 -0.07 15.15 -10.13
N PRO B 56 -0.38 16.18 -10.93
CA PRO B 56 -1.61 16.97 -10.89
C PRO B 56 -2.78 16.32 -11.62
N CYS B 57 -3.96 16.88 -11.41
CA CYS B 57 -5.16 16.47 -12.12
C CYS B 57 -5.08 16.92 -13.56
N ILE B 58 -5.27 15.98 -14.49
CA ILE B 58 -5.28 16.32 -15.91
C ILE B 58 -6.70 16.23 -16.45
N PRO B 59 -7.38 17.38 -16.59
CA PRO B 59 -8.79 17.47 -16.99
C PRO B 59 -9.08 16.79 -18.32
N THR B 60 -10.22 16.13 -18.42
CA THR B 60 -10.62 15.46 -19.65
C THR B 60 -11.76 16.22 -20.34
N GLY C 1 10.15 8.81 -0.04
CA GLY C 1 10.73 7.52 -0.37
C GLY C 1 11.13 7.43 -1.84
N PRO C 2 10.30 6.74 -2.64
CA PRO C 2 10.52 6.57 -4.09
C PRO C 2 10.34 7.88 -4.84
N LEU C 3 10.37 7.78 -6.17
CA LEU C 3 10.34 8.96 -7.02
C LEU C 3 8.94 9.51 -7.17
N GLY C 4 7.93 8.70 -6.87
CA GLY C 4 6.55 9.13 -6.93
C GLY C 4 5.93 9.50 -5.61
N SER C 5 6.72 10.09 -4.72
CA SER C 5 6.21 10.55 -3.42
CA SER C 5 6.21 10.55 -3.44
C SER C 5 6.11 12.07 -3.41
N MET C 6 5.17 12.60 -2.63
CA MET C 6 4.94 14.03 -2.57
C MET C 6 4.41 14.43 -1.20
N ARG C 7 4.84 15.58 -0.70
CA ARG C 7 4.41 16.02 0.63
C ARG C 7 2.96 16.50 0.71
N LEU C 8 2.18 15.87 1.58
CA LEU C 8 0.84 16.35 1.91
C LEU C 8 0.91 17.17 3.19
N HIS C 9 -0.15 17.92 3.48
CA HIS C 9 -0.19 18.69 4.71
C HIS C 9 -0.46 17.77 5.91
N ASP C 10 0.01 18.20 7.07
CA ASP C 10 -0.23 17.48 8.32
C ASP C 10 -1.18 18.30 9.19
N PHE C 11 -2.47 18.17 8.94
CA PHE C 11 -3.48 19.01 9.59
C PHE C 11 -3.73 18.63 11.05
N VAL C 12 -3.82 19.65 11.89
CA VAL C 12 -4.25 19.46 13.28
C VAL C 12 -5.45 20.37 13.57
N SER C 13 -6.37 19.87 14.38
CA SER C 13 -7.56 20.62 14.73
C SER C 13 -7.27 21.75 15.71
N LYS C 14 -7.59 22.97 15.31
CA LYS C 14 -7.35 24.14 16.16
C LYS C 14 -8.55 25.08 16.19
N THR C 15 -8.90 25.55 17.39
CA THR C 15 -9.97 26.52 17.56
C THR C 15 -9.45 27.92 17.26
N VAL C 16 -10.19 28.68 16.46
CA VAL C 16 -9.78 30.00 16.04
C VAL C 16 -9.93 31.05 17.14
N ILE C 17 -8.82 31.68 17.50
CA ILE C 17 -8.83 32.74 18.52
C ILE C 17 -8.30 34.07 17.98
N LYS C 18 -7.43 33.99 16.96
CA LYS C 18 -6.91 35.18 16.31
C LYS C 18 -7.58 35.34 14.94
N PRO C 19 -7.44 36.51 14.30
CA PRO C 19 -8.04 36.62 12.96
C PRO C 19 -7.36 35.69 11.96
N GLU C 20 -8.14 34.79 11.37
CA GLU C 20 -7.64 33.80 10.43
C GLU C 20 -8.47 33.83 9.16
N SER C 21 -7.80 33.67 8.02
CA SER C 21 -8.50 33.54 6.75
C SER C 21 -8.21 32.17 6.14
N CYS C 22 -9.24 31.50 5.68
CA CYS C 22 -9.07 30.19 5.06
C CYS C 22 -8.31 30.34 3.75
N VAL C 23 -7.24 29.57 3.59
CA VAL C 23 -6.42 29.67 2.39
C VAL C 23 -7.14 29.23 1.10
N PRO C 24 -7.83 28.07 1.10
CA PRO C 24 -8.53 27.71 -0.13
C PRO C 24 -9.69 28.62 -0.53
N CYS C 25 -10.56 28.98 0.40
CA CYS C 25 -11.77 29.74 0.04
C CYS C 25 -11.64 31.25 0.25
N GLY C 26 -10.60 31.66 0.99
CA GLY C 26 -10.33 33.07 1.19
C GLY C 26 -11.17 33.75 2.25
N LYS C 27 -12.21 33.07 2.73
CA LYS C 27 -13.10 33.66 3.71
C LYS C 27 -12.53 33.57 5.12
N ARG C 28 -13.00 34.45 6.00
CA ARG C 28 -12.50 34.49 7.38
C ARG C 28 -13.13 33.40 8.23
N ILE C 29 -12.30 32.70 9.00
CA ILE C 29 -12.78 31.67 9.91
C ILE C 29 -13.09 32.32 11.26
N LYS C 30 -14.37 32.32 11.63
CA LYS C 30 -14.85 33.11 12.76
C LYS C 30 -14.27 32.67 14.10
N PHE C 31 -14.36 33.55 15.09
CA PHE C 31 -13.85 33.29 16.42
C PHE C 31 -14.53 32.10 17.09
N GLY C 32 -13.74 31.20 17.66
CA GLY C 32 -14.28 30.06 18.39
C GLY C 32 -14.58 28.89 17.47
N LYS C 33 -14.61 29.16 16.18
CA LYS C 33 -14.90 28.13 15.18
C LYS C 33 -13.69 27.22 14.98
N LEU C 34 -13.95 26.01 14.48
CA LEU C 34 -12.90 25.04 14.25
C LEU C 34 -12.15 25.29 12.95
N SER C 35 -10.83 25.12 12.99
CA SER C 35 -10.00 25.26 11.80
C SER C 35 -8.96 24.14 11.72
N LEU C 36 -8.50 23.86 10.51
CA LEU C 36 -7.42 22.91 10.31
C LEU C 36 -6.16 23.71 10.03
N LYS C 37 -5.10 23.42 10.79
CA LYS C 37 -3.85 24.17 10.65
C LYS C 37 -2.71 23.18 10.46
N CYS C 38 -1.82 23.47 9.51
CA CYS C 38 -0.73 22.54 9.20
C CYS C 38 0.41 22.71 10.18
N ARG C 39 0.99 21.60 10.61
CA ARG C 39 2.10 21.60 11.55
CA ARG C 39 2.09 21.61 11.55
C ARG C 39 3.42 21.95 10.86
N ASP C 40 3.48 21.72 9.56
CA ASP C 40 4.72 21.95 8.82
C ASP C 40 4.77 23.32 8.13
N CYS C 41 3.63 23.79 7.62
CA CYS C 41 3.60 25.09 6.96
C CYS C 41 2.50 26.00 7.54
N ARG C 42 2.29 27.14 6.89
CA ARG C 42 1.38 28.17 7.40
C ARG C 42 -0.06 27.97 6.94
N VAL C 43 -0.31 26.92 6.17
CA VAL C 43 -1.64 26.67 5.64
C VAL C 43 -2.69 26.42 6.72
N VAL C 44 -3.75 27.22 6.69
CA VAL C 44 -4.88 27.04 7.59
C VAL C 44 -6.16 27.08 6.76
N SER C 45 -7.15 26.29 7.14
CA SER C 45 -8.39 26.21 6.37
C SER C 45 -9.59 25.75 7.18
N HIS C 46 -10.77 25.92 6.61
CA HIS C 46 -11.97 25.33 7.17
C HIS C 46 -11.83 23.84 7.05
N PRO C 47 -12.45 23.08 7.96
CA PRO C 47 -12.48 21.61 7.88
C PRO C 47 -13.05 21.12 6.56
N GLU C 48 -14.04 21.85 6.02
CA GLU C 48 -14.70 21.46 4.78
C GLU C 48 -13.94 21.90 3.53
N CYS C 49 -12.85 22.65 3.73
CA CYS C 49 -12.02 23.12 2.62
C CYS C 49 -10.70 22.36 2.58
N ARG C 50 -10.64 21.29 3.36
CA ARG C 50 -9.46 20.44 3.48
C ARG C 50 -8.88 19.98 2.15
N ASP C 51 -9.76 19.58 1.24
CA ASP C 51 -9.35 19.01 -0.04
C ASP C 51 -8.86 20.06 -1.03
N ARG C 52 -9.20 21.32 -0.78
CA ARG C 52 -8.88 22.39 -1.70
C ARG C 52 -7.57 23.11 -1.34
N CYS C 53 -6.89 22.61 -0.32
CA CYS C 53 -5.62 23.20 0.10
C CYS C 53 -4.51 22.96 -0.92
N PRO C 54 -3.79 24.02 -1.30
CA PRO C 54 -2.68 23.99 -2.25
C PRO C 54 -1.65 22.91 -1.95
N LEU C 55 -1.32 22.10 -2.95
CA LEU C 55 -0.32 21.04 -2.80
C LEU C 55 0.86 21.25 -3.75
N PRO C 56 2.04 20.75 -3.38
CA PRO C 56 2.35 19.99 -2.16
C PRO C 56 2.61 20.90 -0.96
N CYS C 57 2.68 20.31 0.23
CA CYS C 57 3.02 21.05 1.44
C CYS C 57 4.49 21.45 1.40
N ILE C 58 4.75 22.74 1.53
CA ILE C 58 6.12 23.24 1.60
C ILE C 58 6.42 23.77 2.99
N PRO C 59 7.15 22.97 3.80
CA PRO C 59 7.48 23.30 5.18
C PRO C 59 8.19 24.64 5.31
N THR C 60 7.85 25.38 6.36
CA THR C 60 8.46 26.69 6.59
C THR C 60 9.42 26.65 7.78
N GLY D 1 -3.61 -20.85 22.69
CA GLY D 1 -4.08 -20.31 21.43
C GLY D 1 -4.66 -21.38 20.53
N PRO D 2 -5.85 -21.11 19.95
CA PRO D 2 -6.50 -22.10 19.08
C PRO D 2 -5.79 -22.31 17.75
N LEU D 3 -6.29 -23.27 16.96
CA LEU D 3 -5.67 -23.65 15.70
C LEU D 3 -6.15 -22.84 14.49
N GLY D 4 -5.28 -21.99 13.96
CA GLY D 4 -5.59 -21.25 12.76
C GLY D 4 -4.89 -21.86 11.55
N SER D 5 -5.54 -21.83 10.39
CA SER D 5 -4.98 -22.44 9.20
C SER D 5 -4.92 -21.49 8.01
N MET D 6 -3.92 -21.69 7.16
CA MET D 6 -3.72 -20.87 5.98
C MET D 6 -3.74 -21.75 4.74
N ARG D 7 -4.21 -21.19 3.63
CA ARG D 7 -4.30 -21.96 2.40
C ARG D 7 -2.90 -22.32 1.91
N LEU D 8 -2.66 -23.62 1.76
CA LEU D 8 -1.41 -24.11 1.22
C LEU D 8 -1.53 -24.37 -0.26
N HIS D 9 -0.41 -24.51 -0.93
CA HIS D 9 -0.40 -24.78 -2.37
C HIS D 9 -0.74 -26.24 -2.64
N ASP D 10 -1.25 -26.49 -3.85
CA ASP D 10 -1.55 -27.85 -4.27
C ASP D 10 -0.52 -28.24 -5.33
N PHE D 11 0.63 -28.69 -4.85
CA PHE D 11 1.78 -28.97 -5.71
C PHE D 11 1.65 -30.26 -6.52
N VAL D 12 2.05 -30.18 -7.79
CA VAL D 12 2.16 -31.36 -8.63
C VAL D 12 3.56 -31.47 -9.20
N SER D 13 4.07 -32.69 -9.31
CA SER D 13 5.39 -32.92 -9.86
C SER D 13 5.35 -32.74 -11.37
N LYS D 14 6.18 -31.83 -11.88
CA LYS D 14 6.23 -31.58 -13.31
C LYS D 14 7.68 -31.54 -13.80
N THR D 15 7.92 -32.22 -14.91
CA THR D 15 9.23 -32.19 -15.54
C THR D 15 9.35 -30.90 -16.32
N VAL D 16 10.48 -30.21 -16.16
CA VAL D 16 10.65 -28.91 -16.79
C VAL D 16 10.91 -29.01 -18.30
N ILE D 17 10.03 -28.38 -19.06
CA ILE D 17 10.13 -28.32 -20.51
C ILE D 17 10.18 -26.86 -20.97
N LYS D 18 9.69 -25.97 -20.11
CA LYS D 18 9.69 -24.54 -20.38
C LYS D 18 10.83 -23.85 -19.62
N PRO D 19 11.19 -22.63 -20.03
CA PRO D 19 12.16 -21.89 -19.21
C PRO D 19 11.49 -21.51 -17.89
N GLU D 20 12.03 -21.96 -16.77
CA GLU D 20 11.40 -21.73 -15.48
C GLU D 20 12.33 -21.11 -14.46
N SER D 21 11.78 -20.23 -13.63
CA SER D 21 12.49 -19.65 -12.52
C SER D 21 11.78 -20.05 -11.23
N CYS D 22 12.55 -20.52 -10.25
CA CYS D 22 11.99 -20.88 -8.95
C CYS D 22 11.52 -19.61 -8.24
N VAL D 23 10.28 -19.61 -7.78
CA VAL D 23 9.72 -18.42 -7.12
C VAL D 23 10.42 -18.06 -5.79
N PRO D 24 10.64 -19.05 -4.90
CA PRO D 24 11.35 -18.67 -3.67
C PRO D 24 12.79 -18.22 -3.87
N CYS D 25 13.57 -18.95 -4.66
CA CYS D 25 15.00 -18.66 -4.76
C CYS D 25 15.41 -17.81 -5.97
N GLY D 26 14.51 -17.68 -6.95
CA GLY D 26 14.78 -16.84 -8.09
C GLY D 26 15.67 -17.51 -9.13
N LYS D 27 16.25 -18.65 -8.75
CA LYS D 27 17.17 -19.37 -9.62
C LYS D 27 16.47 -20.24 -10.67
N ARG D 28 17.27 -20.62 -11.66
CA ARG D 28 16.83 -21.37 -12.82
C ARG D 28 16.58 -22.85 -12.55
N ILE D 29 15.41 -23.33 -12.95
CA ILE D 29 15.08 -24.75 -12.89
C ILE D 29 15.36 -25.39 -14.26
N LYS D 30 16.34 -26.29 -14.32
CA LYS D 30 16.84 -26.84 -15.58
C LYS D 30 15.89 -27.73 -16.37
N PHE D 31 16.21 -27.88 -17.66
CA PHE D 31 15.46 -28.75 -18.56
C PHE D 31 15.53 -30.18 -18.03
N GLY D 32 14.38 -30.84 -17.98
CA GLY D 32 14.34 -32.25 -17.59
C GLY D 32 14.28 -32.46 -16.09
N LYS D 33 14.59 -31.41 -15.34
CA LYS D 33 14.60 -31.46 -13.88
C LYS D 33 13.17 -31.47 -13.37
N LEU D 34 12.99 -31.95 -12.15
CA LEU D 34 11.66 -31.95 -11.55
C LEU D 34 11.34 -30.59 -10.97
N SER D 35 10.09 -30.16 -11.15
CA SER D 35 9.63 -28.90 -10.60
C SER D 35 8.27 -29.08 -9.94
N LEU D 36 7.97 -28.23 -8.98
CA LEU D 36 6.66 -28.28 -8.33
C LEU D 36 5.80 -27.12 -8.80
N LYS D 37 4.58 -27.44 -9.24
CA LYS D 37 3.66 -26.43 -9.74
C LYS D 37 2.30 -26.56 -9.04
N CYS D 38 1.76 -25.43 -8.62
CA CYS D 38 0.48 -25.45 -7.92
C CYS D 38 -0.64 -25.47 -8.95
N ARG D 39 -1.67 -26.28 -8.71
CA ARG D 39 -2.78 -26.36 -9.65
C ARG D 39 -3.61 -25.09 -9.62
N ASP D 40 -3.57 -24.38 -8.50
CA ASP D 40 -4.46 -23.25 -8.26
C ASP D 40 -3.82 -21.91 -8.60
N CYS D 41 -2.51 -21.77 -8.38
CA CYS D 41 -1.84 -20.51 -8.66
C CYS D 41 -0.63 -20.68 -9.58
N ARG D 42 0.10 -19.59 -9.76
CA ARG D 42 1.19 -19.52 -10.73
C ARG D 42 2.52 -19.96 -10.14
N VAL D 43 2.50 -20.33 -8.87
CA VAL D 43 3.73 -20.72 -8.15
C VAL D 43 4.43 -21.96 -8.69
N VAL D 44 5.70 -21.81 -9.02
CA VAL D 44 6.54 -22.92 -9.43
C VAL D 44 7.85 -22.85 -8.65
N SER D 45 8.40 -24.00 -8.26
CA SER D 45 9.61 -24.01 -7.45
C SER D 45 10.41 -25.30 -7.57
N HIS D 46 11.65 -25.25 -7.08
CA HIS D 46 12.45 -26.46 -6.93
C HIS D 46 11.79 -27.31 -5.86
N PRO D 47 11.95 -28.64 -5.96
CA PRO D 47 11.45 -29.55 -4.91
C PRO D 47 12.03 -29.18 -3.54
N GLU D 48 13.28 -28.73 -3.53
CA GLU D 48 13.97 -28.39 -2.28
C GLU D 48 13.63 -26.98 -1.78
N CYS D 49 12.89 -26.22 -2.59
CA CYS D 49 12.51 -24.86 -2.22
C CYS D 49 11.01 -24.78 -1.90
N ARG D 50 10.36 -25.93 -1.86
CA ARG D 50 8.91 -26.02 -1.64
C ARG D 50 8.40 -25.30 -0.39
N ASP D 51 9.14 -25.42 0.71
CA ASP D 51 8.68 -24.86 1.98
C ASP D 51 8.83 -23.34 2.03
N ARG D 52 9.61 -22.79 1.10
CA ARG D 52 9.88 -21.36 1.09
C ARG D 52 8.93 -20.62 0.15
N CYS D 53 7.97 -21.35 -0.40
CA CYS D 53 6.98 -20.75 -1.30
C CYS D 53 6.03 -19.82 -0.57
N PRO D 54 5.83 -18.60 -1.10
CA PRO D 54 4.97 -17.57 -0.54
C PRO D 54 3.58 -18.09 -0.17
N LEU D 55 3.14 -17.79 1.05
CA LEU D 55 1.83 -18.18 1.54
C LEU D 55 1.00 -16.94 1.87
N PRO D 56 -0.34 -17.04 1.82
CA PRO D 56 -1.12 -18.23 1.48
C PRO D 56 -1.26 -18.40 -0.03
N CYS D 57 -1.75 -19.56 -0.47
CA CYS D 57 -2.03 -19.78 -1.88
C CYS D 57 -3.24 -18.97 -2.32
N ILE D 58 -3.03 -18.09 -3.29
CA ILE D 58 -4.12 -17.29 -3.84
C ILE D 58 -4.41 -17.70 -5.29
N PRO D 59 -5.48 -18.48 -5.51
CA PRO D 59 -5.86 -18.98 -6.82
C PRO D 59 -6.05 -17.86 -7.83
N THR D 60 -5.63 -18.09 -9.08
CA THR D 60 -5.74 -17.09 -10.12
C THR D 60 -6.84 -17.46 -11.12
N GLY E 4 7.90 4.01 -6.95
CA GLY E 4 6.58 4.56 -7.21
C GLY E 4 5.49 3.53 -6.99
N SER E 5 4.66 3.74 -5.97
CA SER E 5 4.76 4.93 -5.13
C SER E 5 4.85 4.57 -3.65
N MET E 6 5.28 3.36 -3.36
CA MET E 6 5.40 2.91 -1.97
C MET E 6 6.83 2.49 -1.71
N ARG E 7 7.34 2.84 -0.55
CA ARG E 7 8.70 2.49 -0.20
C ARG E 7 8.73 0.99 0.11
N LEU E 8 9.64 0.28 -0.56
CA LEU E 8 9.73 -1.16 -0.36
C LEU E 8 10.70 -1.48 0.78
N HIS E 9 10.56 -2.69 1.32
CA HIS E 9 11.45 -3.16 2.35
C HIS E 9 12.74 -3.62 1.68
N ASP E 10 13.84 -3.60 2.41
CA ASP E 10 15.10 -4.13 1.90
C ASP E 10 15.44 -5.38 2.67
N PHE E 11 14.82 -6.50 2.29
CA PHE E 11 14.95 -7.74 3.04
C PHE E 11 16.29 -8.43 2.79
N VAL E 12 16.90 -8.87 3.89
CA VAL E 12 18.09 -9.70 3.85
C VAL E 12 17.86 -10.95 4.70
N SER E 13 18.43 -12.09 4.28
CA SER E 13 18.23 -13.33 5.00
C SER E 13 18.95 -13.35 6.35
N LYS E 14 18.21 -13.63 7.41
CA LYS E 14 18.77 -13.65 8.75
C LYS E 14 18.37 -14.93 9.47
N THR E 15 19.34 -15.58 10.11
CA THR E 15 19.08 -16.76 10.92
C THR E 15 18.60 -16.33 12.31
N VAL E 16 17.53 -16.97 12.78
CA VAL E 16 16.91 -16.61 14.05
C VAL E 16 17.75 -17.02 15.26
N ILE E 17 18.11 -16.04 16.09
CA ILE E 17 18.88 -16.31 17.30
C ILE E 17 18.12 -15.90 18.56
N LYS E 18 17.28 -14.88 18.44
CA LYS E 18 16.40 -14.48 19.53
C LYS E 18 14.98 -14.89 19.15
N PRO E 19 14.06 -14.92 20.12
CA PRO E 19 12.67 -15.21 19.74
C PRO E 19 12.00 -14.07 18.97
N GLU E 20 11.54 -14.35 17.76
CA GLU E 20 10.83 -13.36 16.94
C GLU E 20 9.51 -13.94 16.48
N SER E 21 8.52 -13.08 16.32
CA SER E 21 7.24 -13.49 15.76
C SER E 21 7.07 -12.80 14.42
N CYS E 22 6.65 -13.57 13.43
CA CYS E 22 6.46 -13.06 12.08
C CYS E 22 5.35 -12.01 12.05
N VAL E 23 5.64 -10.86 11.48
CA VAL E 23 4.67 -9.76 11.45
C VAL E 23 3.42 -10.06 10.61
N PRO E 24 3.58 -10.59 9.38
CA PRO E 24 2.34 -10.91 8.65
C PRO E 24 1.48 -12.02 9.25
N CYS E 25 2.10 -13.12 9.68
CA CYS E 25 1.34 -14.28 10.13
C CYS E 25 1.14 -14.36 11.64
N GLY E 26 1.93 -13.59 12.39
CA GLY E 26 1.79 -13.56 13.83
C GLY E 26 2.47 -14.70 14.58
N LYS E 27 2.92 -15.70 13.83
CA LYS E 27 3.52 -16.89 14.45
C LYS E 27 4.98 -16.65 14.84
N ARG E 28 5.46 -17.45 15.79
CA ARG E 28 6.85 -17.34 16.26
C ARG E 28 7.79 -18.03 15.29
N ILE E 29 8.88 -17.35 14.93
CA ILE E 29 9.90 -17.99 14.11
C ILE E 29 10.94 -18.63 15.03
N LYS E 30 10.98 -19.95 15.02
CA LYS E 30 11.76 -20.72 15.98
C LYS E 30 13.27 -20.55 15.84
N PHE E 31 14.00 -20.96 16.87
CA PHE E 31 15.46 -20.90 16.88
C PHE E 31 16.09 -21.69 15.73
N GLY E 32 17.04 -21.06 15.05
CA GLY E 32 17.79 -21.71 13.99
C GLY E 32 17.14 -21.66 12.62
N LYS E 33 15.85 -21.38 12.58
CA LYS E 33 15.14 -21.27 11.32
C LYS E 33 15.50 -19.95 10.64
N LEU E 34 15.33 -19.89 9.33
CA LEU E 34 15.63 -18.69 8.55
C LEU E 34 14.50 -17.68 8.64
N SER E 35 14.86 -16.40 8.73
CA SER E 35 13.89 -15.32 8.72
C SER E 35 14.36 -14.19 7.82
N LEU E 36 13.42 -13.43 7.28
CA LEU E 36 13.77 -12.25 6.49
C LEU E 36 13.47 -10.99 7.28
N LYS E 37 14.46 -10.11 7.39
CA LYS E 37 14.29 -8.88 8.14
C LYS E 37 14.71 -7.68 7.29
N CYS E 38 13.96 -6.59 7.40
CA CYS E 38 14.21 -5.40 6.61
C CYS E 38 15.40 -4.61 7.13
N ARG E 39 16.18 -4.08 6.20
CA ARG E 39 17.37 -3.29 6.47
C ARG E 39 17.04 -1.95 7.10
N ASP E 40 15.84 -1.44 6.79
CA ASP E 40 15.46 -0.08 7.17
C ASP E 40 14.61 -0.02 8.43
N CYS E 41 13.74 -1.02 8.60
CA CYS E 41 12.83 -1.04 9.74
C CYS E 41 12.89 -2.34 10.56
N ARG E 42 11.97 -2.47 11.52
CA ARG E 42 11.95 -3.62 12.42
C ARG E 42 11.20 -4.83 11.87
N VAL E 43 10.68 -4.72 10.66
CA VAL E 43 9.91 -5.82 10.09
C VAL E 43 10.76 -7.09 9.94
N VAL E 44 10.32 -8.16 10.59
CA VAL E 44 10.96 -9.46 10.46
C VAL E 44 9.87 -10.47 10.14
N SER E 45 10.17 -11.44 9.29
CA SER E 45 9.15 -12.38 8.84
C SER E 45 9.69 -13.70 8.33
N HIS E 46 8.78 -14.66 8.16
CA HIS E 46 9.11 -15.91 7.48
C HIS E 46 9.42 -15.61 6.02
N PRO E 47 10.26 -16.44 5.40
CA PRO E 47 10.54 -16.31 3.97
C PRO E 47 9.28 -16.40 3.12
N GLU E 48 8.32 -17.23 3.55
CA GLU E 48 7.08 -17.43 2.81
C GLU E 48 6.05 -16.34 3.11
N CYS E 49 6.36 -15.48 4.07
CA CYS E 49 5.43 -14.42 4.45
C CYS E 49 5.96 -13.06 4.01
N ARG E 50 7.06 -13.06 3.25
CA ARG E 50 7.72 -11.84 2.81
C ARG E 50 6.82 -10.84 2.08
N ASP E 51 5.98 -11.34 1.19
CA ASP E 51 5.18 -10.46 0.34
C ASP E 51 4.01 -9.82 1.07
N ARG E 52 3.67 -10.37 2.24
CA ARG E 52 2.52 -9.88 2.99
C ARG E 52 2.90 -8.86 4.04
N CYS E 53 4.18 -8.50 4.08
CA CYS E 53 4.64 -7.50 5.04
C CYS E 53 4.06 -6.15 4.68
N PRO E 54 3.45 -5.48 5.67
CA PRO E 54 2.81 -4.16 5.51
C PRO E 54 3.70 -3.16 4.79
N LEU E 55 3.12 -2.48 3.79
CA LEU E 55 3.82 -1.46 3.05
C LEU E 55 3.16 -0.12 3.29
N PRO E 56 3.92 0.98 3.17
CA PRO E 56 5.33 1.05 2.77
C PRO E 56 6.27 0.78 3.93
N CYS E 57 7.54 0.63 3.61
CA CYS E 57 8.58 0.50 4.62
C CYS E 57 8.78 1.83 5.34
N ILE E 58 8.67 1.81 6.66
CA ILE E 58 8.90 3.01 7.45
C ILE E 58 10.21 2.85 8.20
N PRO E 59 11.29 3.43 7.66
CA PRO E 59 12.63 3.29 8.25
C PRO E 59 12.66 3.77 9.70
N THR E 60 13.35 3.02 10.55
CA THR E 60 13.47 3.38 11.96
C THR E 60 14.89 3.81 12.29
N GLY F 1 -10.53 -6.39 -1.79
CA GLY F 1 -11.29 -7.12 -0.80
C GLY F 1 -11.28 -6.45 0.56
N PRO F 2 -10.47 -6.98 1.49
CA PRO F 2 -10.36 -6.39 2.83
C PRO F 2 -9.64 -5.05 2.79
N LEU F 3 -9.49 -4.42 3.95
CA LEU F 3 -8.94 -3.06 4.01
C LEU F 3 -7.41 -3.04 4.00
N GLY F 4 -6.80 -4.14 4.43
CA GLY F 4 -5.35 -4.25 4.41
C GLY F 4 -4.83 -5.07 3.25
N SER F 5 -5.40 -4.86 2.06
CA SER F 5 -4.98 -5.62 0.88
CA SER F 5 -4.99 -5.62 0.88
C SER F 5 -4.40 -4.70 -0.19
N MET F 6 -3.17 -4.99 -0.60
CA MET F 6 -2.50 -4.24 -1.64
C MET F 6 -2.08 -5.19 -2.76
N ARG F 7 -2.17 -4.71 -4.00
CA ARG F 7 -1.83 -5.55 -5.15
C ARG F 7 -0.35 -5.81 -5.39
N LEU F 8 0.00 -7.09 -5.47
CA LEU F 8 1.33 -7.51 -5.90
C LEU F 8 1.29 -7.81 -7.39
N HIS F 9 2.45 -7.90 -8.02
CA HIS F 9 2.51 -8.24 -9.44
C HIS F 9 2.22 -9.73 -9.61
N ASP F 10 1.71 -10.09 -10.77
CA ASP F 10 1.47 -11.49 -11.09
C ASP F 10 2.43 -11.90 -12.19
N PHE F 11 3.65 -12.25 -11.78
CA PHE F 11 4.74 -12.51 -12.71
C PHE F 11 4.61 -13.83 -13.47
N VAL F 12 4.92 -13.76 -14.76
CA VAL F 12 5.03 -14.96 -15.58
C VAL F 12 6.42 -14.99 -16.23
N SER F 13 7.02 -16.17 -16.32
CA SER F 13 8.35 -16.32 -16.90
C SER F 13 8.31 -16.17 -18.42
N LYS F 14 9.10 -15.24 -18.94
CA LYS F 14 9.15 -15.00 -20.38
C LYS F 14 10.59 -14.90 -20.88
N THR F 15 10.88 -15.57 -21.99
CA THR F 15 12.18 -15.49 -22.62
C THR F 15 12.28 -14.20 -23.43
N VAL F 16 13.38 -13.47 -23.27
CA VAL F 16 13.54 -12.18 -23.92
C VAL F 16 13.85 -12.30 -25.41
N ILE F 17 12.98 -11.72 -26.23
CA ILE F 17 13.17 -11.72 -27.68
C ILE F 17 13.20 -10.29 -28.23
N LYS F 18 12.54 -9.36 -27.55
CA LYS F 18 12.55 -7.96 -27.93
C LYS F 18 13.47 -7.18 -26.98
N PRO F 19 13.82 -5.93 -27.33
CA PRO F 19 14.65 -5.17 -26.39
C PRO F 19 13.88 -4.86 -25.10
N GLU F 20 14.43 -5.32 -23.98
CA GLU F 20 13.79 -5.16 -22.68
C GLU F 20 14.74 -4.57 -21.65
N SER F 21 14.20 -3.71 -20.79
CA SER F 21 14.96 -3.16 -19.69
C SER F 21 14.34 -3.57 -18.37
N CYS F 22 15.16 -4.05 -17.43
CA CYS F 22 14.65 -4.40 -16.11
C CYS F 22 14.20 -3.12 -15.41
N VAL F 23 12.97 -3.11 -14.92
CA VAL F 23 12.45 -1.91 -14.27
C VAL F 23 13.17 -1.57 -12.94
N PRO F 24 13.38 -2.56 -12.06
CA PRO F 24 14.10 -2.19 -10.82
C PRO F 24 15.56 -1.77 -11.03
N CYS F 25 16.33 -2.52 -11.83
CA CYS F 25 17.76 -2.25 -11.92
C CYS F 25 18.16 -1.38 -13.13
N GLY F 26 17.25 -1.23 -14.09
CA GLY F 26 17.51 -0.38 -15.23
C GLY F 26 18.36 -0.99 -16.32
N LYS F 27 18.93 -2.15 -16.04
CA LYS F 27 19.81 -2.82 -17.00
C LYS F 27 19.02 -3.58 -18.05
N ARG F 28 19.63 -3.83 -19.19
CA ARG F 28 18.98 -4.55 -20.28
C ARG F 28 19.00 -6.05 -20.02
N ILE F 29 17.86 -6.69 -20.22
CA ILE F 29 17.77 -8.14 -20.09
C ILE F 29 18.07 -8.75 -21.46
N LYS F 30 19.18 -9.46 -21.54
CA LYS F 30 19.73 -9.90 -22.82
C LYS F 30 18.82 -10.89 -23.55
N PHE F 31 19.07 -11.05 -24.85
CA PHE F 31 18.29 -11.95 -25.69
C PHE F 31 18.41 -13.40 -25.23
N GLY F 32 17.26 -14.08 -25.15
CA GLY F 32 17.24 -15.49 -24.81
C GLY F 32 17.24 -15.74 -23.31
N LYS F 33 17.59 -14.72 -22.55
CA LYS F 33 17.65 -14.83 -21.09
C LYS F 33 16.24 -14.81 -20.51
N LEU F 34 16.11 -15.30 -19.28
CA LEU F 34 14.81 -15.35 -18.61
C LEU F 34 14.44 -13.99 -18.03
N SER F 35 13.17 -13.62 -18.17
CA SER F 35 12.67 -12.38 -17.61
C SER F 35 11.30 -12.61 -16.97
N LEU F 36 10.95 -11.76 -16.00
CA LEU F 36 9.64 -11.82 -15.37
C LEU F 36 8.74 -10.68 -15.84
N LYS F 37 7.52 -11.02 -16.28
CA LYS F 37 6.58 -10.01 -16.76
C LYS F 37 5.20 -10.18 -16.10
N CYS F 38 4.57 -9.06 -15.74
CA CYS F 38 3.30 -9.05 -15.01
C CYS F 38 2.08 -9.22 -15.92
N ARG F 39 1.09 -9.96 -15.42
CA ARG F 39 -0.14 -10.21 -16.15
C ARG F 39 -0.91 -8.90 -16.34
N ASP F 40 -0.76 -8.00 -15.37
CA ASP F 40 -1.61 -6.81 -15.28
C ASP F 40 -1.00 -5.49 -15.74
N CYS F 41 0.30 -5.31 -15.51
CA CYS F 41 0.98 -4.07 -15.88
C CYS F 41 2.20 -4.28 -16.78
N ARG F 42 2.91 -3.20 -17.04
CA ARG F 42 4.04 -3.21 -17.97
C ARG F 42 5.36 -3.54 -17.30
N VAL F 43 5.32 -3.80 -16.00
CA VAL F 43 6.54 -4.10 -15.23
C VAL F 43 7.23 -5.38 -15.70
N VAL F 44 8.50 -5.26 -16.06
CA VAL F 44 9.32 -6.40 -16.43
C VAL F 44 10.64 -6.33 -15.67
N SER F 45 11.18 -7.49 -15.27
CA SER F 45 12.39 -7.51 -14.48
C SER F 45 13.19 -8.80 -14.60
N HIS F 46 14.43 -8.75 -14.14
CA HIS F 46 15.24 -9.95 -13.97
C HIS F 46 14.60 -10.80 -12.88
N PRO F 47 14.77 -12.12 -12.95
CA PRO F 47 14.29 -13.00 -11.88
C PRO F 47 14.88 -12.61 -10.53
N GLU F 48 16.13 -12.16 -10.53
CA GLU F 48 16.84 -11.78 -9.30
C GLU F 48 16.51 -10.37 -8.83
N CYS F 49 15.74 -9.62 -9.63
CA CYS F 49 15.34 -8.26 -9.26
C CYS F 49 13.86 -8.22 -8.92
N ARG F 50 13.25 -9.39 -8.82
CA ARG F 50 11.82 -9.54 -8.56
C ARG F 50 11.32 -8.79 -7.32
N ASP F 51 12.11 -8.81 -6.25
CA ASP F 51 11.69 -8.22 -4.99
C ASP F 51 11.74 -6.70 -5.00
N ARG F 52 12.48 -6.15 -5.95
CA ARG F 52 12.70 -4.71 -6.01
C ARG F 52 11.75 -4.01 -6.99
N CYS F 53 10.79 -4.76 -7.52
CA CYS F 53 9.80 -4.21 -8.44
C CYS F 53 8.86 -3.25 -7.72
N PRO F 54 8.65 -2.05 -8.31
CA PRO F 54 7.78 -1.01 -7.76
C PRO F 54 6.40 -1.52 -7.36
N LEU F 55 5.97 -1.21 -6.14
CA LEU F 55 4.66 -1.61 -5.65
C LEU F 55 3.84 -0.36 -5.29
N PRO F 56 2.51 -0.45 -5.36
CA PRO F 56 1.71 -1.62 -5.74
C PRO F 56 1.59 -1.79 -7.25
N CYS F 57 1.07 -2.94 -7.67
CA CYS F 57 0.80 -3.18 -9.08
C CYS F 57 -0.38 -2.34 -9.55
N ILE F 58 -0.14 -1.52 -10.58
CA ILE F 58 -1.19 -0.70 -11.16
C ILE F 58 -1.52 -1.19 -12.57
N PRO F 59 -2.64 -1.92 -12.71
CA PRO F 59 -3.06 -2.53 -13.99
C PRO F 59 -3.19 -1.48 -15.09
N THR F 60 -2.75 -1.83 -16.30
CA THR F 60 -2.83 -0.91 -17.43
C THR F 60 -3.88 -1.36 -18.44
#